data_6QZG
#
_entry.id   6QZG
#
_cell.length_a   38.270
_cell.length_b   117.330
_cell.length_c   52.780
_cell.angle_alpha   90.00
_cell.angle_beta   97.78
_cell.angle_gamma   90.00
#
_symmetry.space_group_name_H-M   'P 1 21 1'
#
loop_
_entity.id
_entity.type
_entity.pdbx_description
1 polymer Beta-phosphoglucomutase
2 non-polymer 'MAGNESIUM ION'
3 non-polymer 3,7-anhydro-1,2,8-trideoxy-1,8-diphosphono-D-glycero-D-gulo-octitol
4 water water
#
_entity_poly.entity_id   1
_entity_poly.type   'polypeptide(L)'
_entity_poly.pdbx_seq_one_letter_code
;MFKAVLFDLDGVITDTAEYHFRAWKALAEEIGINGVDRQFNEQLKGVSREDSLQKILDLADKKVSAEEFKELAKRKNDNY
VKMIQDVSPADVYPGILQLLKDLRSNKIKIALASASKNGPFLLERMNLTGYFDAIADPAEVAASKPAPDIFIAAAHAVGV
APSESIGLEDSQAGIQAIKDSGALPIGVGRPEDLGDDIVIVPDTSHYTLEFLKEVWLQKQK
;
_entity_poly.pdbx_strand_id   A,B
#
loop_
_chem_comp.id
_chem_comp.type
_chem_comp.name
_chem_comp.formula
JLT D-saccharide 3,7-anhydro-1,2,8-trideoxy-1,8-diphosphono-D-glycero-D-gulo-octitol 'C8 H18 O10 P2'
MG non-polymer 'MAGNESIUM ION' 'Mg 2'
#
# COMPACT_ATOMS: atom_id res chain seq x y z
N MET A 1 -27.23 -18.53 1.71
CA MET A 1 -26.56 -17.63 2.70
C MET A 1 -25.28 -18.31 3.20
N PHE A 2 -24.13 -17.63 3.14
CA PHE A 2 -22.81 -18.24 3.43
C PHE A 2 -22.89 -18.96 4.78
N LYS A 3 -22.20 -20.10 4.90
CA LYS A 3 -22.25 -21.01 6.06
C LYS A 3 -20.99 -20.89 6.92
N ALA A 4 -19.91 -20.44 6.31
CA ALA A 4 -18.59 -20.35 6.97
C ALA A 4 -17.90 -19.08 6.51
N VAL A 5 -16.91 -18.65 7.29
CA VAL A 5 -15.91 -17.62 6.86
C VAL A 5 -14.52 -18.20 7.15
N LEU A 6 -13.64 -18.13 6.16
CA LEU A 6 -12.24 -18.63 6.20
C LEU A 6 -11.33 -17.42 6.33
N PHE A 7 -10.72 -17.26 7.50
CA PHE A 7 -9.84 -16.12 7.85
C PHE A 7 -8.39 -16.42 7.49
N ASP A 8 -7.84 -15.61 6.62
CA ASP A 8 -6.39 -15.31 6.63
C ASP A 8 -6.03 -14.91 8.08
N LEU A 9 -4.79 -15.12 8.55
CA LEU A 9 -4.32 -14.62 9.89
C LEU A 9 -3.60 -13.28 9.70
N ASP A 10 -2.39 -13.30 9.16
CA ASP A 10 -1.55 -12.10 8.93
C ASP A 10 -2.24 -11.19 7.92
N GLY A 11 -2.44 -9.93 8.30
CA GLY A 11 -3.06 -8.89 7.46
C GLY A 11 -4.56 -8.86 7.58
N VAL A 12 -5.15 -9.80 8.31
CA VAL A 12 -6.63 -9.81 8.52
C VAL A 12 -6.94 -9.85 10.02
N ILE A 13 -6.53 -10.91 10.71
CA ILE A 13 -6.73 -11.02 12.19
C ILE A 13 -5.64 -10.21 12.89
N THR A 14 -4.37 -10.29 12.44
CA THR A 14 -3.24 -9.65 13.17
C THR A 14 -1.99 -9.49 12.28
N ASP A 15 -0.90 -9.00 12.88
CA ASP A 15 0.36 -8.66 12.17
C ASP A 15 1.46 -9.57 12.71
N THR A 16 1.81 -10.61 11.94
CA THR A 16 2.96 -11.50 12.21
C THR A 16 4.14 -11.00 11.40
N ALA A 17 3.86 -10.33 10.27
CA ALA A 17 4.87 -9.73 9.35
C ALA A 17 5.92 -8.95 10.15
N GLU A 18 5.48 -8.19 11.15
CA GLU A 18 6.32 -7.26 11.97
C GLU A 18 7.42 -8.06 12.69
N TYR A 19 7.04 -9.19 13.30
CA TYR A 19 7.93 -10.04 14.13
C TYR A 19 8.90 -10.78 13.21
N HIS A 20 8.44 -11.34 12.08
CA HIS A 20 9.32 -11.99 11.07
C HIS A 20 10.38 -11.00 10.61
N PHE A 21 9.97 -9.76 10.33
CA PHE A 21 10.85 -8.63 9.93
C PHE A 21 11.92 -8.34 11.01
N ARG A 22 11.53 -8.07 12.26
CA ARG A 22 12.52 -7.83 13.34
C ARG A 22 13.44 -9.07 13.42
N ALA A 23 12.89 -10.28 13.29
CA ALA A 23 13.67 -11.53 13.35
C ALA A 23 14.76 -11.54 12.27
N TRP A 24 14.38 -11.31 11.01
CA TRP A 24 15.37 -11.24 9.91
C TRP A 24 16.33 -10.06 10.13
N LYS A 25 15.87 -8.98 10.76
CA LYS A 25 16.68 -7.76 11.03
C LYS A 25 17.77 -8.08 12.04
N ALA A 26 17.37 -8.69 13.15
CA ALA A 26 18.26 -9.08 14.27
C ALA A 26 19.36 -10.00 13.72
N LEU A 27 19.00 -10.99 12.90
CA LEU A 27 19.97 -12.00 12.37
C LEU A 27 20.96 -11.31 11.42
N ALA A 28 20.47 -10.47 10.50
CA ALA A 28 21.29 -9.70 9.53
C ALA A 28 22.33 -8.81 10.27
N GLU A 29 21.96 -8.21 11.40
CA GLU A 29 22.83 -7.29 12.18
C GLU A 29 23.77 -8.14 13.05
N GLU A 30 23.23 -9.15 13.74
CA GLU A 30 24.02 -10.14 14.52
C GLU A 30 25.29 -10.51 13.74
N ILE A 31 25.23 -10.56 12.40
CA ILE A 31 26.31 -11.11 11.54
C ILE A 31 26.78 -10.09 10.51
N GLY A 32 26.50 -8.79 10.72
CA GLY A 32 27.19 -7.66 10.04
C GLY A 32 26.59 -7.18 8.72
N ILE A 33 25.59 -7.85 8.14
CA ILE A 33 24.96 -7.38 6.88
C ILE A 33 24.01 -6.21 7.18
N ASN A 34 24.09 -5.15 6.37
CA ASN A 34 23.16 -3.98 6.40
C ASN A 34 22.12 -4.15 5.29
N GLY A 35 21.02 -3.38 5.37
CA GLY A 35 20.07 -3.18 4.26
C GLY A 35 18.84 -4.06 4.35
N VAL A 36 18.65 -4.74 5.49
CA VAL A 36 17.38 -5.45 5.83
C VAL A 36 16.48 -4.42 6.53
N ASP A 37 15.87 -3.55 5.71
CA ASP A 37 14.80 -2.55 6.06
C ASP A 37 13.45 -3.11 5.60
N ARG A 38 12.36 -2.42 5.95
CA ARG A 38 10.98 -2.88 5.67
C ARG A 38 10.74 -2.91 4.16
N GLN A 39 11.45 -2.10 3.39
CA GLN A 39 11.35 -2.09 1.91
C GLN A 39 11.89 -3.42 1.36
N PHE A 40 13.11 -3.78 1.76
CA PHE A 40 13.83 -5.03 1.38
C PHE A 40 13.02 -6.26 1.80
N ASN A 41 12.37 -6.19 2.97
CA ASN A 41 11.58 -7.31 3.55
C ASN A 41 10.28 -7.52 2.76
N GLU A 42 9.99 -6.67 1.77
CA GLU A 42 8.86 -6.89 0.85
C GLU A 42 9.22 -8.11 0.01
N GLN A 43 10.51 -8.40 -0.17
CA GLN A 43 10.97 -9.60 -0.92
C GLN A 43 11.08 -10.85 -0.03
N LEU A 44 10.96 -10.70 1.30
CA LEU A 44 10.98 -11.84 2.27
C LEU A 44 9.55 -12.18 2.70
N LYS A 45 8.51 -11.58 2.12
CA LYS A 45 7.11 -11.94 2.45
C LYS A 45 6.71 -13.08 1.50
N GLY A 46 6.20 -14.19 2.05
CA GLY A 46 5.71 -15.35 1.28
C GLY A 46 6.76 -16.43 1.12
N VAL A 47 7.99 -16.07 0.72
CA VAL A 47 9.06 -17.06 0.36
C VAL A 47 9.44 -17.81 1.64
N SER A 48 9.96 -19.04 1.54
CA SER A 48 10.35 -19.86 2.72
C SER A 48 11.68 -19.35 3.28
N ARG A 49 12.08 -19.90 4.42
CA ARG A 49 13.28 -19.47 5.18
C ARG A 49 14.52 -19.55 4.28
N GLU A 50 14.65 -20.61 3.48
CA GLU A 50 15.86 -20.90 2.65
C GLU A 50 16.10 -19.74 1.69
N ASP A 51 15.01 -19.37 1.01
CA ASP A 51 14.93 -18.30 -0.03
C ASP A 51 15.22 -16.96 0.62
N SER A 52 14.57 -16.68 1.76
CA SER A 52 14.75 -15.42 2.52
C SER A 52 16.23 -15.26 2.86
N LEU A 53 16.80 -16.30 3.46
CA LEU A 53 18.19 -16.34 3.99
C LEU A 53 19.18 -16.10 2.84
N GLN A 54 18.98 -16.79 1.71
CA GLN A 54 19.75 -16.59 0.45
C GLN A 54 19.77 -15.09 0.10
N LYS A 55 18.60 -14.43 0.04
CA LYS A 55 18.44 -12.98 -0.35
C LYS A 55 19.14 -12.06 0.65
N ILE A 56 19.20 -12.44 1.94
CA ILE A 56 19.97 -11.66 2.95
C ILE A 56 21.48 -11.91 2.78
N LEU A 57 21.91 -13.14 2.59
CA LEU A 57 23.34 -13.44 2.30
C LEU A 57 23.77 -12.75 1.00
N ASP A 58 22.98 -12.93 -0.08
CA ASP A 58 23.18 -12.35 -1.43
C ASP A 58 23.43 -10.84 -1.34
N LEU A 59 23.15 -10.17 -0.21
CA LEU A 59 23.32 -8.70 -0.01
C LEU A 59 24.80 -8.33 0.21
N ALA A 60 25.52 -9.06 1.07
CA ALA A 60 26.94 -8.77 1.41
C ALA A 60 27.89 -9.77 0.71
N ASP A 61 27.33 -10.66 -0.11
CA ASP A 61 28.05 -11.79 -0.78
C ASP A 61 28.78 -12.63 0.28
N LYS A 62 28.11 -12.92 1.41
CA LYS A 62 28.62 -13.86 2.44
C LYS A 62 28.43 -15.29 1.91
N LYS A 63 29.45 -16.14 2.07
CA LYS A 63 29.41 -17.58 1.74
C LYS A 63 29.33 -18.37 3.05
N VAL A 64 28.48 -19.39 3.11
CA VAL A 64 28.23 -20.14 4.39
C VAL A 64 28.17 -21.64 4.09
N SER A 65 28.62 -22.46 5.05
CA SER A 65 28.55 -23.95 5.00
C SER A 65 27.09 -24.36 5.01
N ALA A 66 26.80 -25.63 4.71
CA ALA A 66 25.45 -26.23 4.85
C ALA A 66 25.13 -26.29 6.34
N GLU A 67 26.13 -26.58 7.19
CA GLU A 67 26.06 -26.44 8.68
C GLU A 67 25.70 -24.99 9.08
N GLU A 68 26.43 -23.97 8.57
CA GLU A 68 26.26 -22.53 8.96
C GLU A 68 24.87 -22.05 8.56
N PHE A 69 24.42 -22.42 7.36
CA PHE A 69 23.10 -22.06 6.75
C PHE A 69 21.95 -22.59 7.63
N LYS A 70 22.02 -23.86 8.06
CA LYS A 70 20.99 -24.51 8.91
C LYS A 70 20.89 -23.77 10.25
N GLU A 71 22.03 -23.38 10.83
CA GLU A 71 22.08 -22.74 12.17
C GLU A 71 21.45 -21.35 12.09
N LEU A 72 21.81 -20.55 11.08
CA LEU A 72 21.29 -19.16 10.90
C LEU A 72 19.76 -19.23 10.75
N ALA A 73 19.26 -20.06 9.85
CA ALA A 73 17.81 -20.32 9.69
C ALA A 73 17.16 -20.58 11.08
N LYS A 74 17.81 -21.42 11.90
CA LYS A 74 17.32 -21.85 13.23
C LYS A 74 17.34 -20.67 14.21
N ARG A 75 18.41 -19.86 14.25
CA ARG A 75 18.46 -18.64 15.10
C ARG A 75 17.41 -17.63 14.60
N LYS A 76 17.09 -17.55 13.32
CA LYS A 76 15.94 -16.70 12.91
C LYS A 76 14.64 -17.22 13.54
N ASN A 77 14.44 -18.52 13.51
CA ASN A 77 13.20 -19.17 13.99
C ASN A 77 13.11 -19.03 15.51
N ASP A 78 14.20 -19.32 16.22
CA ASP A 78 14.23 -19.13 17.68
C ASP A 78 13.85 -17.67 17.95
N ASN A 79 14.32 -16.73 17.14
CA ASN A 79 14.07 -15.28 17.36
C ASN A 79 12.57 -15.05 17.27
N TYR A 80 12.01 -15.38 16.10
CA TYR A 80 10.58 -15.26 15.80
C TYR A 80 9.73 -15.77 16.97
N VAL A 81 9.97 -16.99 17.45
CA VAL A 81 9.15 -17.62 18.52
C VAL A 81 9.32 -16.84 19.82
N LYS A 82 10.51 -16.31 20.11
CA LYS A 82 10.70 -15.51 21.36
C LYS A 82 9.80 -14.28 21.27
N MET A 83 9.86 -13.58 20.15
CA MET A 83 9.17 -12.28 19.95
C MET A 83 7.64 -12.46 20.02
N ILE A 84 7.06 -13.58 19.57
CA ILE A 84 5.57 -13.66 19.51
C ILE A 84 5.01 -14.08 20.88
N GLN A 85 5.85 -14.17 21.92
CA GLN A 85 5.36 -14.40 23.32
C GLN A 85 4.60 -13.17 23.79
N ASP A 86 4.93 -11.99 23.26
CA ASP A 86 4.34 -10.67 23.56
C ASP A 86 2.87 -10.59 23.15
N VAL A 87 2.45 -11.41 22.18
CA VAL A 87 1.14 -11.24 21.49
C VAL A 87 0.01 -11.32 22.53
N SER A 88 -0.88 -10.33 22.53
CA SER A 88 -2.03 -10.18 23.45
C SER A 88 -3.33 -9.90 22.68
N PRO A 89 -4.51 -9.88 23.35
CA PRO A 89 -5.76 -9.48 22.69
C PRO A 89 -5.70 -8.06 22.10
N ALA A 90 -4.76 -7.26 22.62
CA ALA A 90 -4.47 -5.90 22.16
C ALA A 90 -4.01 -5.92 20.72
N ASP A 91 -3.56 -7.07 20.20
CA ASP A 91 -2.89 -7.19 18.88
C ASP A 91 -3.92 -7.55 17.79
N VAL A 92 -5.20 -7.71 18.15
CA VAL A 92 -6.30 -8.07 17.20
C VAL A 92 -6.73 -6.82 16.40
N TYR A 93 -6.86 -6.97 15.09
CA TYR A 93 -7.26 -5.91 14.13
C TYR A 93 -8.67 -5.37 14.44
N PRO A 94 -8.93 -4.07 14.17
CA PRO A 94 -10.26 -3.49 14.37
C PRO A 94 -11.40 -4.27 13.71
N GLY A 95 -12.50 -4.47 14.44
CA GLY A 95 -13.73 -5.12 13.91
C GLY A 95 -13.71 -6.63 14.01
N ILE A 96 -12.52 -7.24 14.05
CA ILE A 96 -12.37 -8.72 13.98
C ILE A 96 -13.07 -9.39 15.18
N LEU A 97 -12.74 -9.04 16.43
CA LEU A 97 -13.42 -9.61 17.62
C LEU A 97 -14.94 -9.49 17.47
N GLN A 98 -15.45 -8.37 16.95
CA GLN A 98 -16.91 -8.12 16.89
C GLN A 98 -17.49 -8.96 15.74
N LEU A 99 -16.75 -9.10 14.65
CA LEU A 99 -17.15 -9.99 13.52
C LEU A 99 -17.19 -11.44 14.02
N LEU A 100 -16.18 -11.91 14.74
CA LEU A 100 -16.13 -13.32 15.20
C LEU A 100 -17.35 -13.64 16.08
N LYS A 101 -17.76 -12.68 16.94
CA LYS A 101 -18.90 -12.83 17.88
C LYS A 101 -20.22 -12.86 17.10
N ASP A 102 -20.36 -11.97 16.13
CA ASP A 102 -21.58 -11.84 15.30
C ASP A 102 -21.77 -13.10 14.47
N LEU A 103 -20.69 -13.60 13.84
CA LEU A 103 -20.68 -14.90 13.11
C LEU A 103 -21.10 -16.00 14.07
N ARG A 104 -20.47 -16.11 15.23
CA ARG A 104 -20.71 -17.23 16.18
C ARG A 104 -22.20 -17.21 16.53
N SER A 105 -22.75 -16.04 16.82
CA SER A 105 -24.14 -15.91 17.33
C SER A 105 -25.15 -16.12 16.18
N ASN A 106 -24.73 -16.03 14.92
CA ASN A 106 -25.60 -16.34 13.74
C ASN A 106 -25.35 -17.80 13.28
N LYS A 107 -24.57 -18.55 14.06
CA LYS A 107 -24.26 -20.00 13.86
C LYS A 107 -23.55 -20.20 12.52
N ILE A 108 -22.67 -19.27 12.14
CA ILE A 108 -21.82 -19.35 10.92
C ILE A 108 -20.46 -19.88 11.37
N LYS A 109 -19.93 -20.84 10.62
CA LYS A 109 -18.70 -21.59 10.98
C LYS A 109 -17.49 -20.69 10.73
N ILE A 110 -16.45 -20.89 11.52
CA ILE A 110 -15.25 -20.01 11.57
C ILE A 110 -14.02 -20.90 11.50
N ALA A 111 -13.15 -20.64 10.52
CA ALA A 111 -11.96 -21.44 10.19
C ALA A 111 -10.79 -20.51 9.83
N LEU A 112 -9.61 -20.91 10.25
CA LEU A 112 -8.35 -20.19 9.95
C LEU A 112 -7.70 -20.94 8.81
N ALA A 113 -7.36 -20.18 7.77
CA ALA A 113 -6.75 -20.63 6.50
C ALA A 113 -5.42 -19.92 6.33
N SER A 114 -4.46 -20.22 7.23
CA SER A 114 -3.18 -19.48 7.41
C SER A 114 -1.99 -20.43 7.28
N ALA A 115 -0.94 -19.93 6.62
CA ALA A 115 0.40 -20.54 6.54
C ALA A 115 1.13 -20.46 7.90
N SER A 116 0.73 -19.64 8.86
CA SER A 116 1.43 -19.60 10.18
C SER A 116 1.46 -21.03 10.79
N LYS A 117 2.66 -21.54 11.08
CA LYS A 117 2.82 -22.79 11.88
C LYS A 117 2.51 -22.50 13.35
N ASN A 118 2.17 -21.24 13.67
CA ASN A 118 1.94 -20.74 15.05
C ASN A 118 0.48 -20.29 15.23
N GLY A 119 -0.41 -20.62 14.29
CA GLY A 119 -1.79 -20.13 14.30
C GLY A 119 -2.49 -20.44 15.60
N PRO A 120 -2.48 -21.72 16.03
CA PRO A 120 -3.20 -22.12 17.24
C PRO A 120 -2.74 -21.33 18.47
N PHE A 121 -1.43 -21.21 18.64
CA PHE A 121 -0.81 -20.43 19.74
C PHE A 121 -1.20 -18.94 19.66
N LEU A 122 -1.18 -18.35 18.47
CA LEU A 122 -1.56 -16.91 18.27
C LEU A 122 -3.04 -16.68 18.62
N LEU A 123 -3.95 -17.53 18.17
CA LEU A 123 -5.39 -17.41 18.50
C LEU A 123 -5.61 -17.56 20.01
N GLU A 124 -4.88 -18.41 20.72
CA GLU A 124 -4.97 -18.53 22.22
C GLU A 124 -4.48 -17.23 22.87
N ARG A 125 -3.30 -16.74 22.49
CA ARG A 125 -2.69 -15.46 22.96
C ARG A 125 -3.66 -14.29 22.80
N MET A 126 -4.44 -14.27 21.74
CA MET A 126 -5.32 -13.11 21.43
C MET A 126 -6.71 -13.42 21.96
N ASN A 127 -6.85 -14.60 22.57
CA ASN A 127 -8.10 -15.05 23.24
C ASN A 127 -9.25 -15.13 22.22
N LEU A 128 -8.98 -15.78 21.08
CA LEU A 128 -9.95 -16.00 19.98
C LEU A 128 -10.25 -17.51 19.80
N THR A 129 -9.50 -18.39 20.45
CA THR A 129 -9.69 -19.85 20.30
C THR A 129 -11.18 -20.17 20.34
N GLY A 130 -11.91 -19.62 21.30
CA GLY A 130 -13.33 -19.98 21.55
C GLY A 130 -14.19 -19.74 20.33
N TYR A 131 -13.78 -18.86 19.40
CA TYR A 131 -14.58 -18.50 18.22
C TYR A 131 -14.31 -19.47 17.07
N PHE A 132 -13.11 -20.06 16.99
CA PHE A 132 -12.65 -20.82 15.79
C PHE A 132 -13.07 -22.27 15.92
N ASP A 133 -13.82 -22.73 14.92
CA ASP A 133 -14.41 -24.09 14.80
C ASP A 133 -13.34 -25.03 14.26
N ALA A 134 -12.35 -24.51 13.54
CA ALA A 134 -11.24 -25.33 13.00
C ALA A 134 -10.07 -24.44 12.58
N ILE A 135 -8.85 -25.01 12.69
CA ILE A 135 -7.58 -24.45 12.17
C ILE A 135 -6.98 -25.43 11.16
N ALA A 136 -6.98 -25.07 9.87
CA ALA A 136 -6.26 -25.81 8.82
C ALA A 136 -4.79 -25.92 9.21
N ASP A 137 -4.29 -27.14 9.36
CA ASP A 137 -2.87 -27.43 9.58
C ASP A 137 -2.12 -27.22 8.27
N PRO A 138 -1.24 -26.20 8.17
CA PRO A 138 -0.50 -25.98 6.94
C PRO A 138 0.52 -27.11 6.68
N ALA A 139 0.89 -27.90 7.70
CA ALA A 139 1.78 -29.08 7.54
C ALA A 139 1.00 -30.23 6.88
N GLU A 140 -0.33 -30.26 6.93
CA GLU A 140 -1.14 -31.32 6.27
C GLU A 140 -1.59 -30.85 4.88
N VAL A 141 -1.05 -29.72 4.39
CA VAL A 141 -1.50 -29.08 3.12
C VAL A 141 -0.37 -29.13 2.09
N ALA A 142 -0.67 -29.67 0.90
CA ALA A 142 0.28 -30.06 -0.16
C ALA A 142 0.93 -28.84 -0.86
N ALA A 143 0.26 -27.69 -0.99
CA ALA A 143 0.88 -26.49 -1.61
C ALA A 143 0.31 -25.21 -1.00
N SER A 144 1.18 -24.22 -0.80
CA SER A 144 0.83 -22.93 -0.16
C SER A 144 0.06 -22.06 -1.17
N LYS A 145 -0.49 -20.94 -0.73
CA LYS A 145 -1.16 -19.96 -1.62
C LYS A 145 -0.13 -19.57 -2.69
N PRO A 146 -0.49 -19.37 -3.98
CA PRO A 146 -1.89 -19.26 -4.43
C PRO A 146 -2.67 -20.55 -4.79
N ALA A 147 -2.16 -21.70 -4.37
CA ALA A 147 -2.93 -22.96 -4.42
C ALA A 147 -4.12 -22.82 -3.47
N PRO A 148 -5.31 -23.35 -3.86
CA PRO A 148 -6.50 -23.27 -3.01
C PRO A 148 -6.45 -24.21 -1.79
N ASP A 149 -5.47 -25.11 -1.71
CA ASP A 149 -5.40 -26.24 -0.74
C ASP A 149 -5.72 -25.79 0.69
N ILE A 150 -5.24 -24.62 1.12
CA ILE A 150 -5.42 -24.16 2.54
C ILE A 150 -6.90 -23.79 2.76
N PHE A 151 -7.54 -23.11 1.82
CA PHE A 151 -8.97 -22.73 1.94
C PHE A 151 -9.88 -23.95 1.87
N ILE A 152 -9.56 -24.95 1.06
CA ILE A 152 -10.38 -26.19 0.92
C ILE A 152 -10.36 -26.95 2.26
N ALA A 153 -9.17 -27.12 2.84
CA ALA A 153 -9.01 -27.83 4.12
C ALA A 153 -9.79 -27.08 5.21
N ALA A 154 -9.68 -25.76 5.25
CA ALA A 154 -10.31 -24.91 6.29
C ALA A 154 -11.83 -25.12 6.20
N ALA A 155 -12.36 -25.15 4.97
CA ALA A 155 -13.79 -25.38 4.69
C ALA A 155 -14.14 -26.81 5.13
N HIS A 156 -13.44 -27.79 4.59
CA HIS A 156 -13.74 -29.22 4.87
C HIS A 156 -13.81 -29.44 6.38
N ALA A 157 -12.94 -28.80 7.15
CA ALA A 157 -12.74 -29.11 8.58
C ALA A 157 -13.92 -28.59 9.40
N VAL A 158 -14.63 -27.58 8.90
CA VAL A 158 -15.88 -27.11 9.58
C VAL A 158 -17.11 -27.74 8.90
N GLY A 159 -16.92 -28.62 7.91
CA GLY A 159 -18.00 -29.46 7.32
C GLY A 159 -18.78 -28.74 6.22
N VAL A 160 -18.20 -27.73 5.61
CA VAL A 160 -18.81 -26.98 4.46
C VAL A 160 -17.90 -27.20 3.23
N ALA A 161 -18.49 -27.11 2.05
CA ALA A 161 -17.74 -26.95 0.79
C ALA A 161 -17.28 -25.50 0.72
N PRO A 162 -16.14 -25.20 0.08
CA PRO A 162 -15.69 -23.84 -0.08
C PRO A 162 -16.78 -22.93 -0.67
N SER A 163 -17.56 -23.40 -1.66
CA SER A 163 -18.64 -22.65 -2.38
C SER A 163 -19.73 -22.16 -1.42
N GLU A 164 -19.80 -22.70 -0.21
CA GLU A 164 -20.72 -22.27 0.86
C GLU A 164 -20.06 -21.18 1.74
N SER A 165 -18.88 -20.67 1.35
CA SER A 165 -17.98 -19.87 2.23
C SER A 165 -17.57 -18.53 1.60
N ILE A 166 -17.28 -17.57 2.46
CA ILE A 166 -16.51 -16.33 2.15
C ILE A 166 -15.07 -16.51 2.65
N GLY A 167 -14.08 -16.12 1.85
CA GLY A 167 -12.69 -15.99 2.32
C GLY A 167 -12.32 -14.52 2.45
N LEU A 168 -11.66 -14.13 3.56
CA LEU A 168 -11.09 -12.77 3.75
C LEU A 168 -9.57 -12.88 3.70
N GLU A 169 -8.94 -12.13 2.81
CA GLU A 169 -7.47 -12.14 2.56
C GLU A 169 -6.95 -10.71 2.40
N ASP A 170 -5.64 -10.49 2.60
CA ASP A 170 -4.95 -9.18 2.46
C ASP A 170 -3.99 -9.21 1.26
N SER A 171 -3.70 -10.38 0.71
CA SER A 171 -2.64 -10.61 -0.30
C SER A 171 -3.27 -11.03 -1.63
N GLN A 172 -2.55 -10.74 -2.70
CA GLN A 172 -3.02 -10.99 -4.07
C GLN A 172 -3.03 -12.51 -4.28
N ALA A 173 -2.04 -13.19 -3.70
CA ALA A 173 -1.89 -14.67 -3.79
C ALA A 173 -3.02 -15.39 -3.03
N GLY A 174 -3.41 -14.84 -1.87
CA GLY A 174 -4.50 -15.35 -1.03
C GLY A 174 -5.85 -15.17 -1.70
N ILE A 175 -6.09 -13.99 -2.28
CA ILE A 175 -7.30 -13.70 -3.10
C ILE A 175 -7.44 -14.76 -4.21
N GLN A 176 -6.33 -15.13 -4.85
CA GLN A 176 -6.29 -16.12 -5.96
C GLN A 176 -6.67 -17.50 -5.41
N ALA A 177 -6.15 -17.84 -4.23
CA ALA A 177 -6.33 -19.19 -3.65
C ALA A 177 -7.80 -19.32 -3.23
N ILE A 178 -8.44 -18.23 -2.78
CA ILE A 178 -9.88 -18.23 -2.41
C ILE A 178 -10.73 -18.46 -3.68
N LYS A 179 -10.48 -17.67 -4.74
CA LYS A 179 -11.18 -17.77 -6.04
C LYS A 179 -11.10 -19.20 -6.57
N ASP A 180 -9.93 -19.85 -6.49
CA ASP A 180 -9.71 -21.20 -7.09
C ASP A 180 -10.27 -22.30 -6.16
N SER A 181 -10.55 -22.00 -4.90
CA SER A 181 -11.17 -22.98 -3.96
C SER A 181 -12.69 -23.04 -4.21
N GLY A 182 -13.25 -21.96 -4.78
CA GLY A 182 -14.67 -21.78 -5.11
C GLY A 182 -15.40 -20.85 -4.14
N ALA A 183 -14.66 -20.29 -3.18
CA ALA A 183 -15.20 -19.44 -2.10
C ALA A 183 -15.28 -18.01 -2.65
N LEU A 184 -16.05 -17.13 -2.02
CA LEU A 184 -16.13 -15.68 -2.37
C LEU A 184 -15.08 -14.90 -1.58
N PRO A 185 -14.06 -14.35 -2.25
CA PRO A 185 -13.10 -13.47 -1.61
C PRO A 185 -13.70 -12.08 -1.36
N ILE A 186 -13.47 -11.56 -0.16
CA ILE A 186 -13.55 -10.11 0.15
C ILE A 186 -12.15 -9.70 0.57
N GLY A 187 -11.54 -8.77 -0.15
CA GLY A 187 -10.16 -8.29 0.13
C GLY A 187 -10.15 -7.22 1.20
N VAL A 188 -9.03 -7.07 1.90
CA VAL A 188 -8.69 -5.81 2.64
C VAL A 188 -7.36 -5.33 2.09
N GLY A 189 -7.34 -4.05 1.71
CA GLY A 189 -6.17 -3.37 1.12
C GLY A 189 -6.61 -2.52 -0.04
N ARG A 190 -5.78 -2.45 -1.06
CA ARG A 190 -5.94 -1.51 -2.19
C ARG A 190 -6.15 -2.32 -3.45
N PRO A 191 -7.06 -1.92 -4.37
CA PRO A 191 -7.32 -2.71 -5.57
C PRO A 191 -6.08 -2.79 -6.50
N GLU A 192 -5.22 -1.77 -6.40
CA GLU A 192 -3.88 -1.71 -7.02
C GLU A 192 -3.09 -2.98 -6.70
N ASP A 193 -3.29 -3.53 -5.49
CA ASP A 193 -2.59 -4.77 -5.05
C ASP A 193 -3.43 -6.01 -5.37
N LEU A 194 -4.73 -6.02 -5.05
CA LEU A 194 -5.57 -7.24 -4.91
C LEU A 194 -6.48 -7.41 -6.15
N GLY A 195 -6.62 -6.38 -6.97
CA GLY A 195 -7.37 -6.43 -8.25
C GLY A 195 -8.71 -5.75 -8.12
N ASP A 196 -9.41 -5.57 -9.23
CA ASP A 196 -10.69 -4.81 -9.17
C ASP A 196 -11.85 -5.66 -9.69
N ASP A 197 -11.70 -6.98 -9.72
CA ASP A 197 -12.83 -7.89 -10.02
C ASP A 197 -13.51 -8.20 -8.68
N ILE A 198 -12.79 -8.18 -7.56
CA ILE A 198 -13.30 -8.59 -6.22
C ILE A 198 -13.69 -7.36 -5.38
N VAL A 199 -14.66 -7.50 -4.46
CA VAL A 199 -15.00 -6.46 -3.45
C VAL A 199 -13.84 -6.34 -2.43
N ILE A 200 -13.37 -5.11 -2.17
CA ILE A 200 -12.27 -4.79 -1.22
C ILE A 200 -12.71 -3.72 -0.23
N VAL A 201 -12.46 -3.93 1.07
CA VAL A 201 -12.62 -2.84 2.08
C VAL A 201 -11.26 -2.20 2.33
N PRO A 202 -11.21 -0.87 2.61
CA PRO A 202 -9.95 -0.18 2.95
C PRO A 202 -9.19 -0.73 4.17
N ASP A 203 -9.93 -1.24 5.17
CA ASP A 203 -9.36 -1.75 6.46
C ASP A 203 -10.41 -2.68 7.09
N THR A 204 -10.05 -3.31 8.21
CA THR A 204 -10.77 -4.49 8.74
C THR A 204 -12.03 -4.08 9.50
N SER A 205 -12.09 -2.84 9.99
CA SER A 205 -13.27 -2.27 10.69
C SER A 205 -14.51 -2.28 9.77
N HIS A 206 -14.31 -2.49 8.47
CA HIS A 206 -15.37 -2.52 7.44
C HIS A 206 -15.91 -3.95 7.25
N TYR A 207 -15.17 -4.95 7.75
CA TYR A 207 -15.60 -6.37 7.78
C TYR A 207 -16.68 -6.50 8.88
N THR A 208 -17.94 -6.34 8.51
CA THR A 208 -19.12 -6.49 9.40
C THR A 208 -19.97 -7.66 8.89
N LEU A 209 -20.68 -8.34 9.78
CA LEU A 209 -21.66 -9.38 9.35
C LEU A 209 -22.58 -8.74 8.30
N GLU A 210 -23.08 -7.52 8.53
CA GLU A 210 -24.11 -6.88 7.65
C GLU A 210 -23.52 -6.57 6.28
N PHE A 211 -22.24 -6.18 6.22
CA PHE A 211 -21.51 -5.96 4.94
C PHE A 211 -21.28 -7.31 4.23
N LEU A 212 -20.87 -8.36 4.95
CA LEU A 212 -20.62 -9.69 4.32
C LEU A 212 -21.96 -10.27 3.81
N LYS A 213 -23.08 -10.04 4.51
CA LYS A 213 -24.41 -10.47 4.05
C LYS A 213 -24.73 -9.71 2.76
N GLU A 214 -24.46 -8.39 2.72
CA GLU A 214 -24.71 -7.52 1.53
C GLU A 214 -23.97 -8.12 0.32
N VAL A 215 -22.69 -8.49 0.48
CA VAL A 215 -21.82 -8.98 -0.64
C VAL A 215 -22.31 -10.36 -1.10
N TRP A 216 -22.70 -11.21 -0.16
CA TRP A 216 -23.13 -12.57 -0.50
C TRP A 216 -24.35 -12.48 -1.44
N LEU A 217 -25.34 -11.65 -1.06
CA LEU A 217 -26.60 -11.40 -1.84
C LEU A 217 -26.29 -10.93 -3.28
N GLN A 218 -25.15 -10.28 -3.54
CA GLN A 218 -24.87 -9.58 -4.83
C GLN A 218 -23.84 -10.31 -5.70
N LYS A 219 -23.45 -11.55 -5.42
CA LYS A 219 -22.41 -12.24 -6.24
C LYS A 219 -23.03 -12.70 -7.57
N MET B 1 14.99 26.79 12.26
CA MET B 1 13.58 26.28 12.04
C MET B 1 13.23 26.39 10.54
N PHE B 2 12.41 25.47 10.01
CA PHE B 2 12.08 25.40 8.56
C PHE B 2 11.29 26.64 8.16
N LYS B 3 11.54 27.12 6.94
CA LYS B 3 11.03 28.40 6.41
C LYS B 3 9.96 28.16 5.34
N ALA B 4 9.93 26.97 4.75
CA ALA B 4 9.00 26.63 3.65
C ALA B 4 8.50 25.21 3.83
N VAL B 5 7.29 24.89 3.37
CA VAL B 5 6.87 23.47 3.12
C VAL B 5 6.57 23.32 1.61
N LEU B 6 7.13 22.28 1.00
CA LEU B 6 7.03 21.97 -0.44
C LEU B 6 6.09 20.77 -0.58
N PHE B 7 4.92 20.99 -1.19
CA PHE B 7 3.82 20.00 -1.29
C PHE B 7 3.77 19.34 -2.65
N ASP B 8 3.74 18.01 -2.62
CA ASP B 8 3.21 17.21 -3.74
C ASP B 8 1.71 17.57 -3.87
N LEU B 9 1.08 17.28 -5.01
CA LEU B 9 -0.40 17.38 -5.13
C LEU B 9 -1.03 16.00 -4.94
N ASP B 10 -0.97 15.13 -5.95
CA ASP B 10 -1.60 13.78 -5.90
C ASP B 10 -1.03 12.95 -4.75
N GLY B 11 -1.87 12.53 -3.80
CA GLY B 11 -1.50 11.62 -2.69
C GLY B 11 -1.21 12.37 -1.39
N VAL B 12 -1.07 13.70 -1.49
CA VAL B 12 -0.90 14.58 -0.32
C VAL B 12 -2.11 15.51 -0.17
N ILE B 13 -2.36 16.39 -1.14
CA ILE B 13 -3.43 17.42 -1.11
C ILE B 13 -4.75 16.81 -1.56
N THR B 14 -4.71 15.99 -2.61
CA THR B 14 -5.92 15.31 -3.14
C THR B 14 -5.50 14.11 -3.99
N ASP B 15 -6.49 13.52 -4.67
CA ASP B 15 -6.35 12.33 -5.55
C ASP B 15 -6.59 12.77 -7.00
N THR B 16 -5.54 12.75 -7.82
CA THR B 16 -5.67 12.85 -9.30
C THR B 16 -5.57 11.44 -9.88
N ALA B 17 -4.86 10.55 -9.19
CA ALA B 17 -4.45 9.22 -9.73
C ALA B 17 -5.66 8.50 -10.32
N GLU B 18 -6.83 8.68 -9.69
CA GLU B 18 -8.08 7.92 -9.93
C GLU B 18 -8.73 8.38 -11.24
N TYR B 19 -8.71 9.70 -11.52
CA TYR B 19 -9.25 10.27 -12.78
C TYR B 19 -8.34 9.84 -13.93
N HIS B 20 -7.03 9.83 -13.72
CA HIS B 20 -6.08 9.33 -14.77
C HIS B 20 -6.51 7.91 -15.15
N PHE B 21 -6.55 7.04 -14.14
CA PHE B 21 -6.99 5.63 -14.30
C PHE B 21 -8.25 5.55 -15.19
N ARG B 22 -9.31 6.26 -14.82
CA ARG B 22 -10.62 6.25 -15.51
C ARG B 22 -10.40 6.60 -16.97
N ALA B 23 -9.50 7.53 -17.24
CA ALA B 23 -9.28 8.07 -18.59
C ALA B 23 -8.55 7.02 -19.43
N TRP B 24 -7.45 6.47 -18.90
CA TRP B 24 -6.73 5.36 -19.57
C TRP B 24 -7.69 4.17 -19.77
N LYS B 25 -8.63 3.93 -18.86
CA LYS B 25 -9.55 2.77 -18.92
C LYS B 25 -10.58 3.01 -20.02
N ALA B 26 -11.28 4.14 -19.97
CA ALA B 26 -12.29 4.56 -20.96
C ALA B 26 -11.65 4.63 -22.35
N LEU B 27 -10.36 4.95 -22.43
CA LEU B 27 -9.61 5.02 -23.72
C LEU B 27 -9.30 3.60 -24.22
N ALA B 28 -8.86 2.70 -23.35
CA ALA B 28 -8.53 1.30 -23.68
C ALA B 28 -9.80 0.54 -24.09
N GLU B 29 -10.88 0.66 -23.31
CA GLU B 29 -12.25 0.16 -23.62
C GLU B 29 -12.67 0.50 -25.06
N GLU B 30 -12.31 1.70 -25.54
CA GLU B 30 -12.73 2.26 -26.85
C GLU B 30 -11.94 1.63 -28.00
N ILE B 31 -10.64 1.37 -27.82
CA ILE B 31 -9.75 0.82 -28.90
C ILE B 31 -9.67 -0.71 -28.81
N GLY B 32 -10.41 -1.34 -27.89
CA GLY B 32 -10.60 -2.80 -27.82
C GLY B 32 -9.48 -3.56 -27.12
N ILE B 33 -8.64 -2.88 -26.33
CA ILE B 33 -7.57 -3.51 -25.50
C ILE B 33 -8.12 -3.82 -24.11
N ASN B 34 -7.80 -5.01 -23.58
CA ASN B 34 -8.22 -5.52 -22.25
C ASN B 34 -7.01 -5.45 -21.31
N GLY B 35 -7.25 -5.39 -20.00
CA GLY B 35 -6.21 -5.59 -18.97
C GLY B 35 -5.72 -4.29 -18.35
N VAL B 36 -6.41 -3.18 -18.62
CA VAL B 36 -6.10 -1.87 -17.98
C VAL B 36 -6.96 -1.74 -16.72
N ASP B 37 -6.50 -2.41 -15.66
CA ASP B 37 -7.07 -2.33 -14.29
C ASP B 37 -6.09 -1.55 -13.42
N ARG B 38 -6.46 -1.31 -12.16
CA ARG B 38 -5.71 -0.44 -11.21
C ARG B 38 -4.34 -1.06 -10.84
N GLN B 39 -4.19 -2.38 -10.95
CA GLN B 39 -2.89 -3.07 -10.76
C GLN B 39 -1.94 -2.49 -11.81
N PHE B 40 -2.33 -2.62 -13.08
CA PHE B 40 -1.56 -2.19 -14.29
C PHE B 40 -1.32 -0.65 -14.26
N ASN B 41 -2.30 0.12 -13.76
CA ASN B 41 -2.23 1.61 -13.73
C ASN B 41 -1.07 2.01 -12.80
N GLU B 42 -0.70 1.13 -11.87
CA GLU B 42 0.44 1.37 -10.94
C GLU B 42 1.72 1.54 -11.77
N GLN B 43 1.80 0.95 -12.95
CA GLN B 43 3.00 1.01 -13.83
C GLN B 43 3.01 2.29 -14.71
N LEU B 44 1.89 3.05 -14.71
CA LEU B 44 1.74 4.35 -15.44
C LEU B 44 2.01 5.51 -14.48
N LYS B 45 1.94 5.27 -13.16
CA LYS B 45 2.27 6.27 -12.13
C LYS B 45 3.71 6.75 -12.34
N GLY B 46 3.88 8.02 -12.73
CA GLY B 46 5.21 8.64 -12.97
C GLY B 46 5.48 8.81 -14.45
N VAL B 47 5.04 7.87 -15.26
CA VAL B 47 5.42 7.74 -16.70
C VAL B 47 4.77 8.89 -17.49
N SER B 48 5.41 9.32 -18.57
CA SER B 48 4.88 10.39 -19.47
C SER B 48 3.57 9.90 -20.11
N ARG B 49 2.73 10.83 -20.54
CA ARG B 49 1.51 10.53 -21.34
C ARG B 49 1.86 9.54 -22.47
N GLU B 50 2.87 9.89 -23.26
CA GLU B 50 3.39 9.15 -24.46
C GLU B 50 3.68 7.68 -24.10
N ASP B 51 4.58 7.46 -23.14
CA ASP B 51 5.00 6.09 -22.73
C ASP B 51 3.82 5.37 -22.08
N SER B 52 2.96 6.06 -21.33
CA SER B 52 1.72 5.49 -20.73
C SER B 52 0.90 4.81 -21.83
N LEU B 53 0.59 5.54 -22.91
CA LEU B 53 -0.16 5.02 -24.10
C LEU B 53 0.59 3.82 -24.71
N GLN B 54 1.91 3.92 -24.94
CA GLN B 54 2.72 2.79 -25.49
C GLN B 54 2.43 1.54 -24.66
N LYS B 55 2.52 1.64 -23.33
CA LYS B 55 2.41 0.48 -22.40
C LYS B 55 1.00 -0.12 -22.50
N ILE B 56 -0.01 0.73 -22.76
CA ILE B 56 -1.38 0.26 -23.08
C ILE B 56 -1.40 -0.43 -24.46
N LEU B 57 -0.68 0.09 -25.45
CA LEU B 57 -0.58 -0.58 -26.79
C LEU B 57 0.16 -1.92 -26.66
N ASP B 58 1.34 -1.95 -26.01
CA ASP B 58 2.17 -3.17 -25.78
C ASP B 58 1.32 -4.32 -25.15
N LEU B 59 0.22 -4.02 -24.44
CA LEU B 59 -0.71 -5.06 -23.90
C LEU B 59 -1.30 -5.92 -25.02
N ALA B 60 -1.35 -5.41 -26.26
CA ALA B 60 -1.93 -6.09 -27.44
C ALA B 60 -0.97 -6.01 -28.64
N ASP B 61 0.35 -5.97 -28.36
CA ASP B 61 1.46 -5.92 -29.35
C ASP B 61 1.08 -5.03 -30.54
N LYS B 62 0.26 -4.00 -30.31
CA LYS B 62 -0.52 -3.26 -31.35
C LYS B 62 0.21 -1.95 -31.71
N LYS B 63 0.12 -1.55 -32.99
CA LYS B 63 0.70 -0.30 -33.56
C LYS B 63 -0.43 0.54 -34.17
N VAL B 64 -0.23 1.84 -34.30
CA VAL B 64 -1.15 2.77 -35.03
C VAL B 64 -0.29 3.90 -35.63
N SER B 65 -0.83 4.69 -36.55
CA SER B 65 -0.08 5.81 -37.18
C SER B 65 0.40 6.74 -36.06
N ALA B 66 1.57 7.37 -36.23
CA ALA B 66 2.15 8.36 -35.29
C ALA B 66 1.19 9.56 -35.13
N GLU B 67 0.26 9.74 -36.08
CA GLU B 67 -0.74 10.86 -36.09
C GLU B 67 -1.93 10.49 -35.20
N GLU B 68 -2.40 9.24 -35.24
CA GLU B 68 -3.61 8.79 -34.48
C GLU B 68 -3.19 8.47 -33.04
N PHE B 69 -1.90 8.12 -32.85
CA PHE B 69 -1.24 8.01 -31.52
C PHE B 69 -1.48 9.31 -30.74
N LYS B 70 -1.37 10.45 -31.42
CA LYS B 70 -1.47 11.80 -30.79
C LYS B 70 -2.95 12.12 -30.55
N GLU B 71 -3.87 11.67 -31.40
CA GLU B 71 -5.34 11.88 -31.19
C GLU B 71 -5.82 11.04 -29.99
N LEU B 72 -5.24 9.86 -29.76
CA LEU B 72 -5.58 8.97 -28.61
C LEU B 72 -5.13 9.66 -27.32
N ALA B 73 -3.84 9.96 -27.21
CA ALA B 73 -3.23 10.77 -26.13
C ALA B 73 -4.11 11.99 -25.84
N LYS B 74 -4.57 12.68 -26.90
CA LYS B 74 -5.42 13.90 -26.79
C LYS B 74 -6.79 13.49 -26.21
N ARG B 75 -7.47 12.56 -26.86
CA ARG B 75 -8.80 12.03 -26.41
C ARG B 75 -8.70 11.75 -24.90
N LYS B 76 -7.62 11.10 -24.43
CA LYS B 76 -7.43 10.74 -23.01
C LYS B 76 -7.21 11.99 -22.17
N ASN B 77 -6.34 12.91 -22.59
CA ASN B 77 -6.08 14.16 -21.83
C ASN B 77 -7.35 15.00 -21.77
N ASP B 78 -8.07 15.13 -22.89
CA ASP B 78 -9.35 15.88 -22.93
C ASP B 78 -10.27 15.27 -21.87
N ASN B 79 -10.22 13.95 -21.69
CA ASN B 79 -11.16 13.20 -20.82
C ASN B 79 -10.80 13.47 -19.35
N TYR B 80 -9.50 13.36 -19.04
CA TYR B 80 -8.90 13.74 -17.75
C TYR B 80 -9.36 15.15 -17.39
N VAL B 81 -9.19 16.12 -18.30
CA VAL B 81 -9.54 17.55 -18.04
C VAL B 81 -11.05 17.67 -17.81
N LYS B 82 -11.88 16.97 -18.57
CA LYS B 82 -13.35 17.01 -18.32
C LYS B 82 -13.58 16.57 -16.88
N MET B 83 -12.96 15.47 -16.46
CA MET B 83 -13.29 14.82 -15.16
C MET B 83 -12.82 15.68 -13.98
N ILE B 84 -11.75 16.47 -14.08
CA ILE B 84 -11.28 17.26 -12.90
C ILE B 84 -12.04 18.60 -12.81
N GLN B 85 -12.97 18.86 -13.72
CA GLN B 85 -13.83 20.06 -13.67
C GLN B 85 -14.63 20.07 -12.36
N ASP B 86 -14.90 18.92 -11.76
CA ASP B 86 -15.78 18.79 -10.57
C ASP B 86 -14.98 18.87 -9.26
N VAL B 87 -13.64 18.91 -9.32
CA VAL B 87 -12.82 19.05 -8.10
C VAL B 87 -13.35 20.26 -7.33
N SER B 88 -13.39 20.13 -6.00
CA SER B 88 -13.93 21.14 -5.04
C SER B 88 -13.19 21.05 -3.69
N PRO B 89 -13.38 22.02 -2.76
CA PRO B 89 -12.69 21.96 -1.47
C PRO B 89 -13.00 20.67 -0.69
N ALA B 90 -14.14 20.06 -1.02
CA ALA B 90 -14.61 18.76 -0.48
C ALA B 90 -13.59 17.66 -0.78
N ASP B 91 -12.71 17.85 -1.77
CA ASP B 91 -11.75 16.83 -2.26
C ASP B 91 -10.37 16.99 -1.56
N VAL B 92 -10.19 18.02 -0.74
CA VAL B 92 -8.92 18.24 0.00
C VAL B 92 -8.79 17.18 1.10
N TYR B 93 -7.68 16.47 1.09
CA TYR B 93 -7.31 15.42 2.06
C TYR B 93 -7.37 15.99 3.48
N PRO B 94 -7.72 15.15 4.49
CA PRO B 94 -7.91 15.63 5.87
C PRO B 94 -6.60 16.23 6.42
N GLY B 95 -6.72 17.26 7.26
CA GLY B 95 -5.60 17.92 7.94
C GLY B 95 -4.94 18.92 7.02
N ILE B 96 -5.19 18.83 5.71
CA ILE B 96 -4.33 19.60 4.77
C ILE B 96 -4.68 21.08 4.92
N LEU B 97 -5.96 21.43 4.87
CA LEU B 97 -6.37 22.84 4.97
C LEU B 97 -5.95 23.37 6.32
N GLN B 98 -6.19 22.66 7.42
CA GLN B 98 -5.78 23.15 8.76
C GLN B 98 -4.28 23.42 8.73
N LEU B 99 -3.48 22.59 8.04
CA LEU B 99 -1.99 22.71 8.01
C LEU B 99 -1.63 23.97 7.23
N LEU B 100 -2.26 24.21 6.09
CA LEU B 100 -1.98 25.39 5.24
C LEU B 100 -2.17 26.68 6.07
N LYS B 101 -3.19 26.75 6.92
CA LYS B 101 -3.53 27.97 7.70
C LYS B 101 -2.48 28.19 8.78
N ASP B 102 -2.14 27.10 9.49
CA ASP B 102 -1.17 27.09 10.61
C ASP B 102 0.18 27.56 10.06
N LEU B 103 0.59 27.05 8.90
CA LEU B 103 1.82 27.48 8.15
C LEU B 103 1.76 28.99 7.85
N ARG B 104 0.69 29.46 7.21
CA ARG B 104 0.52 30.87 6.77
C ARG B 104 0.70 31.81 7.96
N SER B 105 -0.01 31.52 9.04
CA SER B 105 -0.10 32.38 10.25
C SER B 105 1.20 32.30 11.07
N ASN B 106 2.06 31.32 10.78
CA ASN B 106 3.42 31.18 11.35
C ASN B 106 4.45 31.74 10.36
N LYS B 107 4.00 32.56 9.41
CA LYS B 107 4.77 33.19 8.30
C LYS B 107 5.68 32.14 7.63
N ILE B 108 5.19 30.91 7.42
CA ILE B 108 5.94 29.83 6.75
C ILE B 108 5.50 29.70 5.29
N LYS B 109 6.47 29.64 4.39
CA LYS B 109 6.25 29.65 2.92
C LYS B 109 5.66 28.30 2.46
N ILE B 110 4.79 28.37 1.46
CA ILE B 110 3.97 27.23 0.96
C ILE B 110 4.10 27.22 -0.55
N ALA B 111 4.56 26.09 -1.12
CA ALA B 111 4.82 25.92 -2.57
C ALA B 111 4.42 24.52 -3.05
N LEU B 112 3.89 24.45 -4.27
CA LEU B 112 3.53 23.17 -4.95
C LEU B 112 4.76 22.72 -5.74
N ALA B 113 5.32 21.58 -5.36
CA ALA B 113 6.26 20.78 -6.19
C ALA B 113 5.51 19.54 -6.73
N SER B 114 4.56 19.76 -7.65
CA SER B 114 3.76 18.73 -8.36
C SER B 114 4.20 18.66 -9.82
N ALA B 115 4.09 17.47 -10.43
CA ALA B 115 4.27 17.25 -11.90
C ALA B 115 2.96 17.54 -12.66
N SER B 116 1.82 17.73 -11.98
CA SER B 116 0.53 18.05 -12.65
C SER B 116 0.67 19.33 -13.50
N LYS B 117 0.44 19.23 -14.81
CA LYS B 117 0.29 20.39 -15.72
C LYS B 117 -0.93 21.24 -15.32
N ASN B 118 -1.78 20.77 -14.39
CA ASN B 118 -3.08 21.40 -14.00
C ASN B 118 -3.06 21.86 -12.54
N GLY B 119 -1.86 21.89 -11.96
CA GLY B 119 -1.70 22.26 -10.55
C GLY B 119 -2.46 23.54 -10.22
N PRO B 120 -2.15 24.67 -10.87
CA PRO B 120 -2.79 25.96 -10.54
C PRO B 120 -4.31 25.88 -10.61
N PHE B 121 -4.83 25.30 -11.69
CA PHE B 121 -6.29 25.07 -11.89
C PHE B 121 -6.86 24.30 -10.69
N LEU B 122 -6.27 23.16 -10.33
CA LEU B 122 -6.79 22.32 -9.22
C LEU B 122 -6.83 23.12 -7.93
N LEU B 123 -5.78 23.91 -7.66
CA LEU B 123 -5.67 24.71 -6.41
C LEU B 123 -6.81 25.72 -6.37
N GLU B 124 -7.15 26.34 -7.51
CA GLU B 124 -8.27 27.32 -7.57
C GLU B 124 -9.59 26.62 -7.20
N ARG B 125 -9.79 25.42 -7.76
CA ARG B 125 -11.03 24.61 -7.66
C ARG B 125 -11.23 24.15 -6.22
N MET B 126 -10.12 23.96 -5.48
CA MET B 126 -10.11 23.52 -4.06
C MET B 126 -10.01 24.75 -3.14
N ASN B 127 -9.99 25.95 -3.71
CA ASN B 127 -9.86 27.26 -3.02
C ASN B 127 -8.66 27.24 -2.06
N LEU B 128 -7.50 26.82 -2.55
CA LEU B 128 -6.22 26.79 -1.78
C LEU B 128 -5.25 27.88 -2.25
N THR B 129 -5.45 28.44 -3.43
CA THR B 129 -4.51 29.39 -4.10
C THR B 129 -4.00 30.43 -3.08
N GLY B 130 -4.85 30.94 -2.20
CA GLY B 130 -4.50 31.96 -1.21
C GLY B 130 -3.41 31.49 -0.26
N TYR B 131 -3.33 30.19 0.05
CA TYR B 131 -2.30 29.63 0.96
C TYR B 131 -0.97 29.50 0.21
N PHE B 132 -0.98 29.43 -1.12
CA PHE B 132 0.23 29.12 -1.93
C PHE B 132 0.91 30.41 -2.40
N ASP B 133 2.19 30.53 -2.00
CA ASP B 133 3.17 31.59 -2.33
C ASP B 133 3.85 31.29 -3.67
N ALA B 134 3.94 30.02 -4.10
CA ALA B 134 4.52 29.67 -5.42
C ALA B 134 4.03 28.31 -5.95
N ILE B 135 4.04 28.15 -7.28
CA ILE B 135 3.81 26.86 -8.00
C ILE B 135 4.94 26.62 -9.01
N ALA B 136 5.90 25.78 -8.63
CA ALA B 136 6.88 25.17 -9.56
C ALA B 136 6.18 24.82 -10.86
N ASP B 137 6.53 25.45 -11.97
CA ASP B 137 6.03 25.04 -13.31
C ASP B 137 6.74 23.77 -13.74
N PRO B 138 6.04 22.61 -13.78
CA PRO B 138 6.68 21.37 -14.23
C PRO B 138 7.18 21.39 -15.69
N ALA B 139 6.63 22.25 -16.55
CA ALA B 139 7.10 22.43 -17.95
C ALA B 139 8.51 23.06 -17.97
N GLU B 140 8.93 23.73 -16.90
CA GLU B 140 10.18 24.53 -16.93
C GLU B 140 11.30 23.77 -16.19
N VAL B 141 11.18 22.45 -16.04
CA VAL B 141 12.22 21.62 -15.36
C VAL B 141 12.77 20.56 -16.32
N ALA B 142 14.09 20.38 -16.26
CA ALA B 142 14.85 19.45 -17.10
C ALA B 142 14.30 18.01 -16.95
N ALA B 143 14.17 17.52 -15.72
CA ALA B 143 13.85 16.11 -15.42
C ALA B 143 12.78 16.02 -14.34
N SER B 144 11.86 15.07 -14.47
CA SER B 144 10.82 14.76 -13.47
C SER B 144 11.39 13.85 -12.38
N LYS B 145 10.73 13.83 -11.21
CA LYS B 145 10.91 12.86 -10.11
C LYS B 145 11.30 11.49 -10.66
N PRO B 146 12.40 10.87 -10.16
CA PRO B 146 13.03 11.26 -8.90
C PRO B 146 14.19 12.28 -8.93
N ALA B 147 14.35 13.05 -10.00
CA ALA B 147 15.30 14.20 -10.00
C ALA B 147 14.79 15.24 -9.01
N PRO B 148 15.68 15.96 -8.28
CA PRO B 148 15.26 17.05 -7.39
C PRO B 148 14.67 18.31 -8.04
N ASP B 149 14.96 18.54 -9.33
CA ASP B 149 14.66 19.78 -10.11
C ASP B 149 13.39 20.50 -9.56
N ILE B 150 12.26 19.79 -9.42
CA ILE B 150 10.92 20.34 -9.05
C ILE B 150 10.91 20.81 -7.58
N PHE B 151 11.59 20.12 -6.66
CA PHE B 151 11.62 20.58 -5.24
C PHE B 151 12.60 21.75 -5.11
N ILE B 152 13.67 21.75 -5.88
CA ILE B 152 14.62 22.90 -5.96
C ILE B 152 13.85 24.13 -6.45
N ALA B 153 13.09 23.96 -7.54
CA ALA B 153 12.42 25.06 -8.26
C ALA B 153 11.34 25.67 -7.35
N ALA B 154 10.64 24.80 -6.63
CA ALA B 154 9.60 25.16 -5.65
C ALA B 154 10.20 25.98 -4.51
N ALA B 155 11.35 25.58 -3.98
CA ALA B 155 12.02 26.29 -2.85
C ALA B 155 12.46 27.64 -3.37
N HIS B 156 13.18 27.67 -4.48
CA HIS B 156 13.69 28.95 -5.05
C HIS B 156 12.53 29.92 -5.27
N ALA B 157 11.38 29.41 -5.76
CA ALA B 157 10.23 30.26 -6.17
C ALA B 157 9.73 31.09 -4.98
N VAL B 158 9.91 30.59 -3.75
CA VAL B 158 9.50 31.28 -2.50
C VAL B 158 10.72 31.85 -1.77
N GLY B 159 11.91 31.83 -2.38
CA GLY B 159 13.12 32.52 -1.88
C GLY B 159 13.80 31.81 -0.70
N VAL B 160 13.84 30.46 -0.73
CA VAL B 160 14.59 29.68 0.30
C VAL B 160 15.43 28.60 -0.39
N ALA B 161 16.50 28.18 0.25
CA ALA B 161 17.26 26.95 -0.08
C ALA B 161 16.36 25.76 0.19
N PRO B 162 16.41 24.70 -0.65
CA PRO B 162 15.76 23.44 -0.32
C PRO B 162 16.10 23.02 1.13
N SER B 163 17.36 23.20 1.57
CA SER B 163 17.86 22.86 2.94
C SER B 163 17.11 23.60 4.07
N GLU B 164 16.26 24.59 3.79
CA GLU B 164 15.43 25.33 4.79
C GLU B 164 13.98 24.82 4.76
N SER B 165 13.73 23.77 3.98
CA SER B 165 12.37 23.33 3.56
C SER B 165 12.13 21.88 4.00
N ILE B 166 10.88 21.59 4.37
CA ILE B 166 10.33 20.21 4.48
C ILE B 166 9.58 19.94 3.17
N GLY B 167 9.69 18.74 2.63
CA GLY B 167 8.88 18.26 1.51
C GLY B 167 8.00 17.11 1.97
N LEU B 168 6.72 17.19 1.65
CA LEU B 168 5.73 16.15 1.96
C LEU B 168 5.39 15.50 0.63
N GLU B 169 5.37 14.17 0.60
CA GLU B 169 5.25 13.40 -0.65
C GLU B 169 4.78 11.99 -0.28
N ASP B 170 4.12 11.28 -1.21
CA ASP B 170 3.51 9.95 -0.98
C ASP B 170 4.16 8.85 -1.81
N SER B 171 5.14 9.15 -2.67
CA SER B 171 5.73 8.17 -3.63
C SER B 171 7.23 8.09 -3.42
N GLN B 172 7.80 6.92 -3.72
CA GLN B 172 9.22 6.59 -3.47
C GLN B 172 10.11 7.57 -4.27
N ALA B 173 9.67 7.88 -5.48
CA ALA B 173 10.44 8.72 -6.43
C ALA B 173 10.39 10.16 -5.91
N GLY B 174 9.24 10.56 -5.39
CA GLY B 174 9.09 11.86 -4.72
C GLY B 174 10.06 12.00 -3.57
N ILE B 175 10.12 11.00 -2.69
CA ILE B 175 11.00 11.02 -1.48
C ILE B 175 12.43 11.26 -1.94
N GLN B 176 12.83 10.55 -3.01
CA GLN B 176 14.22 10.59 -3.58
C GLN B 176 14.52 12.02 -4.05
N ALA B 177 13.63 12.58 -4.85
CA ALA B 177 13.69 13.97 -5.36
C ALA B 177 13.89 14.92 -4.16
N ILE B 178 13.12 14.73 -3.08
CA ILE B 178 13.22 15.60 -1.88
C ILE B 178 14.60 15.42 -1.25
N LYS B 179 15.02 14.15 -1.02
CA LYS B 179 16.34 13.83 -0.46
C LYS B 179 17.45 14.51 -1.28
N ASP B 180 17.38 14.47 -2.61
CA ASP B 180 18.48 14.90 -3.51
C ASP B 180 18.41 16.41 -3.73
N SER B 181 17.38 17.09 -3.22
CA SER B 181 17.22 18.57 -3.32
C SER B 181 17.95 19.26 -2.17
N GLY B 182 18.02 18.58 -1.03
CA GLY B 182 18.59 19.06 0.24
C GLY B 182 17.53 19.20 1.31
N ALA B 183 16.26 19.13 0.91
CA ALA B 183 15.10 19.31 1.81
C ALA B 183 14.95 18.07 2.70
N LEU B 184 14.18 18.22 3.78
CA LEU B 184 13.78 17.10 4.65
C LEU B 184 12.45 16.53 4.13
N PRO B 185 12.39 15.22 3.82
CA PRO B 185 11.13 14.57 3.50
C PRO B 185 10.37 14.00 4.71
N ILE B 186 9.06 14.11 4.64
CA ILE B 186 8.04 13.39 5.45
C ILE B 186 7.03 12.72 4.51
N GLY B 187 7.14 11.40 4.37
CA GLY B 187 6.23 10.56 3.57
C GLY B 187 4.86 10.45 4.22
N VAL B 188 3.85 10.15 3.40
CA VAL B 188 2.54 9.64 3.86
C VAL B 188 2.35 8.32 3.11
N GLY B 189 2.20 7.24 3.87
CA GLY B 189 2.01 5.88 3.35
C GLY B 189 2.66 4.84 4.22
N ARG B 190 3.44 3.97 3.58
CA ARG B 190 3.97 2.71 4.16
C ARG B 190 5.49 2.75 4.05
N PRO B 191 6.25 2.43 5.10
CA PRO B 191 7.70 2.29 4.98
C PRO B 191 8.14 1.24 3.93
N GLU B 192 7.29 0.23 3.71
CA GLU B 192 7.50 -0.87 2.73
C GLU B 192 7.66 -0.29 1.32
N ASP B 193 7.13 0.91 1.10
CA ASP B 193 7.07 1.60 -0.22
C ASP B 193 8.05 2.77 -0.27
N LEU B 194 8.19 3.53 0.82
CA LEU B 194 8.84 4.88 0.83
C LEU B 194 10.24 4.84 1.47
N GLY B 195 10.46 4.01 2.51
CA GLY B 195 11.78 3.77 3.13
C GLY B 195 11.73 3.73 4.64
N ASP B 196 12.77 3.19 5.28
CA ASP B 196 12.95 3.16 6.76
C ASP B 196 13.67 4.43 7.23
N ASP B 197 14.56 5.00 6.41
CA ASP B 197 15.50 6.07 6.82
C ASP B 197 14.79 7.43 7.03
N ILE B 198 13.60 7.65 6.45
CA ILE B 198 12.83 8.93 6.64
C ILE B 198 11.58 8.67 7.50
N VAL B 199 11.05 9.71 8.12
CA VAL B 199 9.77 9.67 8.89
C VAL B 199 8.61 9.61 7.90
N ILE B 200 7.63 8.75 8.19
CA ILE B 200 6.38 8.53 7.39
C ILE B 200 5.19 8.50 8.35
N VAL B 201 4.12 9.20 8.00
CA VAL B 201 2.78 9.14 8.68
C VAL B 201 1.87 8.21 7.88
N PRO B 202 0.93 7.50 8.53
CA PRO B 202 -0.01 6.61 7.82
C PRO B 202 -0.97 7.34 6.88
N ASP B 203 -1.31 8.61 7.21
CA ASP B 203 -2.23 9.43 6.37
C ASP B 203 -2.06 10.92 6.70
N THR B 204 -2.74 11.77 5.93
CA THR B 204 -2.49 13.23 5.85
C THR B 204 -2.94 13.92 7.14
N SER B 205 -3.83 13.28 7.92
CA SER B 205 -4.34 13.80 9.22
C SER B 205 -3.19 13.96 10.23
N HIS B 206 -2.07 13.26 10.07
CA HIS B 206 -0.89 13.33 10.98
C HIS B 206 0.10 14.43 10.59
N TYR B 207 -0.13 15.14 9.47
CA TYR B 207 0.74 16.25 9.01
C TYR B 207 0.27 17.48 9.74
N THR B 208 0.73 17.68 10.97
CA THR B 208 0.38 18.86 11.81
C THR B 208 1.59 19.81 11.86
N LEU B 209 1.34 21.10 12.05
CA LEU B 209 2.46 22.04 12.21
C LEU B 209 3.34 21.52 13.36
N GLU B 210 2.71 21.06 14.43
CA GLU B 210 3.42 20.61 15.66
C GLU B 210 4.26 19.38 15.31
N PHE B 211 3.74 18.49 14.47
CA PHE B 211 4.44 17.23 14.10
C PHE B 211 5.64 17.59 13.20
N LEU B 212 5.44 18.39 12.13
CA LEU B 212 6.55 18.84 11.24
C LEU B 212 7.69 19.40 12.11
N LYS B 213 7.36 20.24 13.08
CA LYS B 213 8.35 20.93 13.96
C LYS B 213 9.14 19.88 14.73
N GLU B 214 8.46 18.87 15.27
CA GLU B 214 9.09 17.77 16.05
C GLU B 214 10.10 17.04 15.15
N VAL B 215 9.74 16.76 13.90
CA VAL B 215 10.65 16.08 12.95
C VAL B 215 11.85 16.97 12.62
N TRP B 216 11.61 18.25 12.35
CA TRP B 216 12.67 19.20 11.96
C TRP B 216 13.72 19.22 13.07
N LEU B 217 13.30 19.28 14.33
CA LEU B 217 14.20 19.16 15.52
C LEU B 217 15.02 17.85 15.46
N GLN B 218 14.40 16.71 15.20
CA GLN B 218 14.99 15.40 15.58
C GLN B 218 15.88 14.84 14.45
N LYS B 219 16.31 15.66 13.48
CA LYS B 219 17.19 15.18 12.37
C LYS B 219 18.60 15.81 12.49
MG MG C . -2.26 -12.64 5.05
C4 JLT D . 4.70 -15.82 5.35
C5 JLT D . 4.51 -16.46 6.74
C7 JLT D . 0.63 -16.31 7.02
C8 JLT D . 5.56 -17.60 6.91
O2 JLT D . 3.98 -13.86 3.97
C9 JLT D . 5.09 -18.89 7.60
O1 JLT D . 6.06 -15.37 5.24
C1 JLT D . 2.06 -15.77 6.61
C2 JLT D . 2.30 -15.21 5.16
C3 JLT D . 3.72 -14.64 5.14
O3 JLT D . 1.39 -14.17 4.69
O6 JLT D . 3.09 -16.77 6.94
P10 JLT D . 5.46 -19.00 9.39
P11 JLT D . -0.99 -15.77 6.25
O12 JLT D . 4.91 -20.32 9.93
O14 JLT D . 4.75 -17.82 10.10
O15 JLT D . 6.96 -18.87 9.68
O16 JLT D . -1.51 -16.83 5.25
O17 JLT D . -0.97 -14.40 5.56
O18 JLT D . -1.90 -15.67 7.46
MG MG E . 2.32 12.21 -5.42
C4 JLT F . 1.19 11.22 -12.84
C4 JLT F . 1.28 11.49 -13.37
C5 JLT F . 1.38 12.70 -13.18
C5 JLT F . 1.45 12.99 -13.57
C7 JLT F . 1.06 14.29 -9.86
C7 JLT F . 0.98 14.25 -10.05
C8 JLT F . 0.64 13.09 -14.49
C8 JLT F . 0.77 13.46 -14.88
O2 JLT F . 1.75 9.51 -11.15
O2 JLT F . 1.70 9.65 -11.82
C9 JLT F . 1.01 14.47 -15.05
C9 JLT F . 1.54 13.12 -16.16
O1 JLT F . 1.63 10.39 -13.93
O1 JLT F . 1.79 10.80 -14.52
C1 JLT F . 1.65 13.28 -10.84
C1 JLT F . 1.61 13.36 -11.14
C2 JLT F . 1.54 11.79 -10.41
C2 JLT F . 1.49 11.85 -10.86
C3 JLT F . 1.96 10.87 -11.54
C3 JLT F . 1.95 11.03 -12.06
O3 JLT F . 2.35 11.47 -9.26
O3 JLT F . 2.27 11.44 -9.72
O6 JLT F . 0.93 13.48 -12.06
O6 JLT F . 0.96 13.68 -12.38
P10 JLT F . -0.49 15.39 -15.58
P10 JLT F . 0.49 13.08 -17.66
P11 JLT F . 2.09 14.69 -8.38
P11 JLT F . 2.03 14.65 -8.59
O12 JLT F . -1.08 14.72 -16.81
O12 JLT F . -0.27 11.77 -17.78
O14 JLT F . -1.49 15.45 -14.42
O14 JLT F . -0.52 14.21 -17.71
O15 JLT F . -0.07 16.77 -16.01
O15 JLT F . 1.40 13.26 -18.85
O16 JLT F . 2.08 13.53 -7.39
O16 JLT F . 2.06 13.49 -7.59
O17 JLT F . 1.43 15.92 -7.79
O17 JLT F . 1.39 15.86 -7.94
O18 JLT F . 3.52 15.03 -8.75
O18 JLT F . 3.46 15.00 -8.98
#